data_6Z2L
#
_entry.id   6Z2L
#
_cell.length_a   96.921
_cell.length_b   96.921
_cell.length_c   177.898
_cell.angle_alpha   90.000
_cell.angle_beta   90.000
_cell.angle_gamma   90.000
#
_symmetry.space_group_name_H-M   'P 41 21 2'
#
loop_
_entity.id
_entity.type
_entity.pdbx_description
1 polymer 'Surface protein P113'
2 polymer 'FAb fragment - VL chain'
3 polymer 'FAb fragment - VH chain'
4 non-polymer 'SULFATE ION'
5 water water
#
loop_
_entity_poly.entity_id
_entity_poly.type
_entity_poly.pdbx_seq_one_letter_code
_entity_poly.pdbx_strand_id
1 'polypeptide(L)'
;YVHNDVIKFGEENSLKCSQGNLYVLHCEVQCLNGNNEIIHKRCNDDIEKKCNGNNKCIYFFEYELRKKTQSFRNKNSIEI
SECVESEQNEVKTSTTCLLSNSFILDEAFIQYFFFI(MLY)N(MLY)NEEPVICKDGNINIKSALLHSPFCEIKL(MLY)
DISEYIRK(MLY)CDNNKECLIDPLDVQKNLLNEEDPCYINNAYVSVNVVCNK
;
A
2 'polypeptide(L)'
;LLLCFQGTRCDIQMTQTTSSLSASLGDRVTISCRASQDISNYLNWYQQKPDGTVKLLIYYTSRLHSGVSSRFSGSGSGTD
YSLTIKNLEQEDIATYFCQQVNALPPTFGGGTKLEIKRADAAPTVSIFPPSSEQLTSGGASVVCFLNNFYPKDINVKWKI
DGSERQNGVLNSWTDQDSKDSTYSMSSTLTLTKDEYERHNSYTCEATHKTSTSPIVKSFNRNEC
;
B
3 'polypeptide(L)'
;MGWTYIILFLVAAVTGVHSQVQLQQPGAELVKPGASVRLSCKASGYTFTSYFMYWVRQRPGQGLQSIGGINPNNGGSNFN
ERFKTKATLTVDKSSSIAYLQLNSLTSEDSAVYYCTRRGLGYDYGGFAYWGQGTLVTVSAAKTTPPSVYPLAPGSAAQTN
SMVTLGCLVKGYFPEPVTVTWNSGSLSSGVHTFPAVLQSDLYTLSSSVTVPSSTWPSETVTCNVAHPASSTKVDKKIVPR
;
C
#
# COMPACT_ATOMS: atom_id res chain seq x y z
N TYR A 1 20.31 13.45 30.63
CA TYR A 1 20.07 13.85 29.24
C TYR A 1 20.65 12.82 28.26
N VAL A 2 19.86 12.37 27.29
CA VAL A 2 20.34 11.41 26.29
C VAL A 2 20.61 12.14 25.00
N HIS A 3 21.82 11.99 24.48
CA HIS A 3 22.15 12.42 23.12
C HIS A 3 21.68 11.34 22.14
N ASN A 4 20.66 11.62 21.32
CA ASN A 4 20.29 10.70 20.24
C ASN A 4 20.84 11.27 18.94
N ASP A 5 21.89 10.67 18.40
CA ASP A 5 22.57 11.22 17.22
C ASP A 5 22.35 10.38 15.97
N VAL A 6 22.23 11.10 14.86
CA VAL A 6 22.18 10.53 13.52
C VAL A 6 23.31 11.16 12.74
N ILE A 7 24.24 10.36 12.27
CA ILE A 7 25.42 10.94 11.61
C ILE A 7 25.71 10.20 10.31
N LYS A 8 26.23 10.94 9.36
CA LYS A 8 26.64 10.44 8.08
C LYS A 8 28.06 9.91 8.19
N PHE A 9 28.48 9.18 7.18
CA PHE A 9 29.83 8.69 7.18
C PHE A 9 30.61 9.94 6.94
N GLY A 10 31.79 10.02 7.47
CA GLY A 10 32.58 11.21 7.29
C GLY A 10 32.34 12.23 8.36
N GLU A 11 31.11 12.41 8.82
CA GLU A 11 30.86 13.35 9.87
C GLU A 11 31.29 12.98 11.26
N GLU A 12 32.06 13.85 11.86
CA GLU A 12 32.53 13.64 13.19
C GLU A 12 31.49 13.94 14.25
N ASN A 13 31.38 13.05 15.22
CA ASN A 13 30.56 13.29 16.39
C ASN A 13 31.47 13.51 17.60
N SER A 14 31.30 14.64 18.27
CA SER A 14 32.13 15.04 19.41
C SER A 14 31.24 15.12 20.63
N LEU A 15 31.49 14.25 21.61
CA LEU A 15 30.68 14.18 22.82
C LEU A 15 31.48 14.68 24.01
N LYS A 16 30.79 15.31 24.95
CA LYS A 16 31.45 15.81 26.16
C LYS A 16 30.41 15.91 27.26
N CYS A 17 30.78 15.40 28.44
CA CYS A 17 29.95 15.44 29.63
C CYS A 17 30.32 16.64 30.46
N SER A 18 29.33 17.44 30.84
CA SER A 18 29.60 18.53 31.79
C SER A 18 30.03 17.96 33.14
N GLN A 19 29.42 16.83 33.53
CA GLN A 19 29.81 16.11 34.72
C GLN A 19 29.57 14.64 34.45
N GLY A 20 30.31 13.80 35.16
CA GLY A 20 30.19 12.37 34.93
C GLY A 20 30.98 11.93 33.72
N ASN A 21 30.71 10.69 33.29
CA ASN A 21 31.38 10.11 32.14
C ASN A 21 30.34 9.51 31.23
N LEU A 22 30.78 9.16 30.01
CA LEU A 22 29.88 8.69 28.95
C LEU A 22 29.53 7.23 29.13
N TYR A 23 28.30 6.89 28.74
CA TYR A 23 27.80 5.53 28.71
C TYR A 23 27.07 5.36 27.38
N VAL A 24 27.54 4.43 26.55
CA VAL A 24 26.98 4.22 25.22
C VAL A 24 25.76 3.32 25.31
N LEU A 25 24.67 3.75 24.70
CA LEU A 25 23.41 3.04 24.86
C LEU A 25 23.11 2.09 23.71
N HIS A 26 23.53 2.41 22.50
CA HIS A 26 23.32 1.59 21.31
C HIS A 26 24.04 2.26 20.17
N CYS A 27 24.30 1.48 19.11
CA CYS A 27 24.85 2.00 17.88
C CYS A 27 24.42 1.11 16.72
N GLU A 28 23.96 1.71 15.62
CA GLU A 28 23.65 0.91 14.44
C GLU A 28 24.09 1.59 13.15
N VAL A 29 24.64 0.79 12.24
CA VAL A 29 25.02 1.23 10.89
C VAL A 29 24.01 0.69 9.90
N GLN A 30 23.55 1.55 9.00
CA GLN A 30 22.75 1.14 7.84
C GLN A 30 23.44 1.65 6.59
N CYS A 31 23.78 0.74 5.68
CA CYS A 31 24.56 1.12 4.52
C CYS A 31 24.28 0.17 3.35
N LEU A 32 24.47 0.68 2.14
CA LEU A 32 24.51 -0.15 0.95
C LEU A 32 25.77 -0.99 0.92
N ASN A 33 25.65 -2.25 0.49
CA ASN A 33 26.82 -3.08 0.28
C ASN A 33 27.15 -3.12 -1.23
N GLY A 34 28.14 -3.95 -1.60
CA GLY A 34 28.51 -4.07 -3.00
C GLY A 34 27.41 -4.63 -3.88
N ASN A 35 26.50 -5.41 -3.28
CA ASN A 35 25.32 -5.92 -3.97
C ASN A 35 24.15 -4.92 -3.96
N ASN A 36 24.43 -3.66 -3.61
CA ASN A 36 23.45 -2.57 -3.64
C ASN A 36 22.17 -2.90 -2.89
N GLU A 37 22.31 -3.60 -1.77
CA GLU A 37 21.22 -3.78 -0.83
C GLU A 37 21.62 -3.14 0.49
N ILE A 38 20.61 -2.67 1.22
CA ILE A 38 20.81 -2.06 2.53
C ILE A 38 21.12 -3.15 3.55
N ILE A 39 22.26 -3.04 4.21
CA ILE A 39 22.67 -4.01 5.22
C ILE A 39 22.73 -3.30 6.56
N HIS A 40 22.82 -4.08 7.62
CA HIS A 40 22.93 -3.54 8.97
C HIS A 40 24.23 -4.07 9.56
N LYS A 41 24.95 -3.26 10.33
CA LYS A 41 26.19 -3.66 10.93
C LYS A 41 26.26 -3.06 12.29
N ARG A 42 27.10 -3.63 13.12
CA ARG A 42 27.26 -3.18 14.49
C ARG A 42 28.34 -2.17 14.62
N CYS A 43 28.22 -1.33 15.61
CA CYS A 43 29.20 -0.36 15.88
C CYS A 43 29.26 -0.09 17.36
N ASN A 44 28.47 -0.80 18.13
CA ASN A 44 28.43 -0.55 19.56
C ASN A 44 29.80 -0.75 20.19
N ASP A 45 30.43 -1.87 19.92
CA ASP A 45 31.71 -2.15 20.57
C ASP A 45 32.73 -1.07 20.28
N ASP A 46 32.81 -0.60 19.02
CA ASP A 46 33.75 0.46 18.66
C ASP A 46 33.49 1.74 19.46
N ILE A 47 32.22 2.15 19.56
CA ILE A 47 31.93 3.40 20.27
C ILE A 47 32.23 3.25 21.75
N GLU A 48 31.85 2.11 22.33
CA GLU A 48 32.16 1.87 23.75
C GLU A 48 33.66 1.99 24.03
N LYS A 49 34.49 1.39 23.17
CA LYS A 49 35.93 1.46 23.37
C LYS A 49 36.45 2.89 23.32
N LYS A 50 35.88 3.73 22.45
CA LYS A 50 36.32 5.11 22.39
C LYS A 50 35.73 5.95 23.53
N CYS A 51 34.50 5.68 23.95
CA CYS A 51 33.76 6.64 24.77
C CYS A 51 33.50 6.20 26.21
N ASN A 52 33.20 4.93 26.47
CA ASN A 52 32.69 4.53 27.79
C ASN A 52 33.65 4.92 28.91
N GLY A 53 33.11 5.51 29.98
CA GLY A 53 33.94 5.85 31.13
C GLY A 53 34.85 7.04 30.94
N ASN A 54 34.74 7.75 29.81
CA ASN A 54 35.51 8.96 29.55
C ASN A 54 34.59 10.17 29.59
N ASN A 55 35.15 11.34 29.90
CA ASN A 55 34.34 12.56 29.94
C ASN A 55 34.13 13.17 28.55
N LYS A 56 34.83 12.66 27.54
CA LYS A 56 34.73 13.19 26.18
C LYS A 56 35.23 12.14 25.20
N CYS A 57 34.71 12.17 23.97
CA CYS A 57 35.31 11.39 22.89
C CYS A 57 34.86 12.00 21.57
N ILE A 58 35.48 11.53 20.51
CA ILE A 58 35.22 12.03 19.17
C ILE A 58 35.48 10.88 18.22
N TYR A 59 34.58 10.71 17.25
CA TYR A 59 34.77 9.62 16.28
C TYR A 59 34.03 9.99 14.99
N PHE A 60 34.38 9.31 13.90
CA PHE A 60 33.66 9.37 12.64
C PHE A 60 33.82 8.04 11.93
N PHE A 61 32.89 7.76 11.02
CA PHE A 61 32.87 6.45 10.40
C PHE A 61 33.38 6.53 8.97
N GLU A 62 34.01 5.45 8.50
CA GLU A 62 34.50 5.50 7.13
C GLU A 62 34.51 4.10 6.54
N TYR A 63 34.76 4.05 5.23
CA TYR A 63 34.59 2.87 4.40
C TYR A 63 35.86 2.04 4.33
N GLU A 64 35.66 0.74 4.08
CA GLU A 64 36.76 -0.21 3.93
C GLU A 64 37.71 0.27 2.86
N LEU A 65 37.18 0.52 1.68
CA LEU A 65 37.97 0.96 0.54
C LEU A 65 37.84 2.47 0.46
N ARG A 66 38.94 3.16 0.73
CA ARG A 66 39.01 4.61 0.78
C ARG A 66 40.40 5.02 0.32
N LYS A 67 40.53 6.28 -0.10
CA LYS A 67 41.85 6.86 -0.28
C LYS A 67 42.37 7.26 1.09
N LYS A 68 43.42 6.57 1.56
CA LYS A 68 43.94 6.83 2.90
C LYS A 68 44.74 8.12 2.89
N THR A 69 44.28 9.10 3.66
CA THR A 69 44.99 10.31 3.96
C THR A 69 45.87 10.11 5.18
N GLN A 70 46.92 10.92 5.28
CA GLN A 70 47.68 11.05 6.53
C GLN A 70 47.15 12.28 7.25
N SER A 71 46.65 12.11 8.47
CA SER A 71 46.14 13.26 9.21
C SER A 71 45.92 12.85 10.66
N PHE A 72 46.06 13.81 11.55
CA PHE A 72 45.84 13.59 12.96
C PHE A 72 44.37 13.24 13.20
N ARG A 73 43.52 13.54 12.26
CA ARG A 73 42.12 13.24 12.40
C ARG A 73 41.89 11.75 12.37
N ASN A 74 42.75 11.04 11.68
CA ASN A 74 42.60 9.62 11.55
C ASN A 74 42.55 8.78 12.80
N LYS A 75 43.02 9.29 13.93
CA LYS A 75 42.96 8.51 15.15
C LYS A 75 41.52 8.35 15.61
N ASN A 76 40.64 9.20 15.13
CA ASN A 76 39.23 9.18 15.47
C ASN A 76 38.40 8.28 14.56
N SER A 77 38.99 7.68 13.51
CA SER A 77 38.21 6.94 12.51
C SER A 77 37.77 5.57 13.01
N ILE A 78 36.62 5.13 12.50
CA ILE A 78 36.10 3.80 12.70
C ILE A 78 35.71 3.25 11.34
N GLU A 79 36.37 2.19 10.90
CA GLU A 79 36.07 1.58 9.61
C GLU A 79 34.92 0.58 9.76
N ILE A 80 33.95 0.65 8.85
CA ILE A 80 32.88 -0.34 8.74
C ILE A 80 33.03 -1.05 7.40
N SER A 81 33.22 -2.37 7.45
CA SER A 81 33.77 -3.11 6.31
C SER A 81 32.87 -3.10 5.06
N GLU A 82 31.76 -3.85 5.09
CA GLU A 82 31.04 -4.20 3.86
C GLU A 82 30.33 -3.00 3.21
N CYS A 83 30.37 -1.83 3.82
CA CYS A 83 29.67 -0.68 3.28
C CYS A 83 30.36 -0.14 2.05
N VAL A 84 29.57 0.30 1.09
CA VAL A 84 30.11 1.03 -0.05
C VAL A 84 29.61 2.46 0.01
N GLU A 85 30.41 3.37 -0.52
CA GLU A 85 30.09 4.79 -0.45
C GLU A 85 28.73 5.10 -1.09
N SER A 86 27.86 5.76 -0.32
CA SER A 86 26.51 6.06 -0.75
C SER A 86 25.89 7.05 0.23
N GLU A 87 25.14 8.02 -0.30
CA GLU A 87 24.44 8.97 0.55
C GLU A 87 23.35 8.33 1.39
N GLN A 88 22.93 7.10 1.06
CA GLN A 88 21.93 6.41 1.85
C GLN A 88 22.48 5.94 3.19
N ASN A 89 23.79 5.93 3.37
CA ASN A 89 24.40 5.37 4.57
C ASN A 89 24.24 6.30 5.77
N GLU A 90 24.23 5.69 6.96
CA GLU A 90 23.79 6.40 8.15
C GLU A 90 24.04 5.58 9.41
N VAL A 91 24.51 6.24 10.45
CA VAL A 91 24.71 5.66 11.77
C VAL A 91 23.77 6.37 12.75
N LYS A 92 23.08 5.58 13.57
CA LYS A 92 22.26 6.12 14.64
C LYS A 92 22.78 5.58 15.96
N THR A 93 23.04 6.47 16.90
CA THR A 93 23.70 6.09 18.14
C THR A 93 23.27 7.05 19.25
N SER A 94 23.26 6.55 20.50
CA SER A 94 22.87 7.36 21.64
C SER A 94 23.85 7.11 22.78
N THR A 95 24.15 8.17 23.51
CA THR A 95 24.98 8.12 24.71
C THR A 95 24.34 9.00 25.77
N THR A 96 24.75 8.77 27.01
CA THR A 96 24.30 9.63 28.09
C THR A 96 25.45 9.74 29.09
N CYS A 97 25.42 10.79 29.90
CA CYS A 97 26.43 11.05 30.91
C CYS A 97 25.91 10.59 32.26
N LEU A 98 26.71 9.80 32.97
CA LEU A 98 26.37 9.33 34.31
C LEU A 98 27.54 9.59 35.24
N LEU A 99 27.25 9.89 36.52
CA LEU A 99 28.32 10.01 37.50
C LEU A 99 29.06 8.69 37.68
N SER A 100 28.37 7.56 37.54
CA SER A 100 28.98 6.25 37.67
C SER A 100 28.40 5.32 36.61
N ASN A 101 29.25 4.41 36.10
CA ASN A 101 28.80 3.36 35.20
C ASN A 101 28.66 2.01 35.91
N SER A 102 28.88 1.96 37.23
CA SER A 102 28.65 0.75 38.02
C SER A 102 27.18 0.60 38.39
N PHE A 103 26.69 -0.65 38.37
CA PHE A 103 25.33 -0.95 38.80
C PHE A 103 25.28 -1.51 40.23
N ILE A 104 26.37 -1.38 40.98
CA ILE A 104 26.34 -1.64 42.41
C ILE A 104 25.80 -0.42 43.12
N LEU A 105 24.71 -0.59 43.87
CA LEU A 105 24.04 0.51 44.55
C LEU A 105 24.49 0.52 46.01
N ASP A 106 25.18 1.59 46.40
CA ASP A 106 25.90 1.63 47.66
C ASP A 106 25.03 1.99 48.86
N GLU A 107 23.98 2.80 48.69
CA GLU A 107 23.22 3.28 49.84
C GLU A 107 21.78 2.78 49.77
N ALA A 108 21.19 2.57 50.94
CA ALA A 108 19.78 2.24 51.03
C ALA A 108 18.92 3.50 51.19
N PHE A 109 17.64 3.35 50.86
CA PHE A 109 16.64 4.40 51.11
C PHE A 109 16.93 5.69 50.36
N ILE A 110 17.40 5.57 49.12
CA ILE A 110 17.51 6.72 48.22
C ILE A 110 17.32 6.23 46.79
N GLN A 111 16.59 7.01 45.98
CA GLN A 111 16.35 6.55 44.61
C GLN A 111 17.63 6.67 43.79
N TYR A 112 17.90 5.65 42.97
CA TYR A 112 18.92 5.73 41.94
C TYR A 112 18.22 5.84 40.59
N PHE A 113 18.82 6.61 39.68
CA PHE A 113 18.28 6.73 38.33
C PHE A 113 19.44 6.60 37.36
N PHE A 114 19.32 5.68 36.40
CA PHE A 114 20.38 5.49 35.42
C PHE A 114 19.81 4.78 34.20
N PHE A 115 20.64 4.62 33.17
CA PHE A 115 20.26 3.96 31.94
C PHE A 115 20.99 2.63 31.82
N ILE A 116 20.41 1.76 31.00
CA ILE A 116 20.89 0.39 30.79
C ILE A 116 20.98 0.18 29.29
N ASN A 118 21.58 -1.22 25.33
CA ASN A 118 20.84 -2.14 24.42
C ASN A 118 21.07 -3.64 24.70
N ASN A 120 22.81 -5.01 27.58
CA ASN A 120 23.40 -5.12 28.90
C ASN A 120 23.35 -6.54 29.46
N GLU A 121 24.43 -6.95 30.13
CA GLU A 121 24.46 -8.19 30.88
C GLU A 121 24.82 -7.97 32.35
N GLU A 122 24.98 -6.75 32.78
CA GLU A 122 25.40 -6.48 34.13
C GLU A 122 24.19 -6.34 35.06
N PRO A 123 24.15 -7.10 36.15
CA PRO A 123 23.04 -6.97 37.11
C PRO A 123 23.15 -5.70 37.95
N VAL A 124 21.99 -5.18 38.32
CA VAL A 124 21.92 -4.17 39.37
C VAL A 124 21.99 -4.89 40.71
N ILE A 125 22.87 -4.42 41.60
CA ILE A 125 23.13 -5.14 42.85
C ILE A 125 23.01 -4.15 44.01
N CYS A 126 22.19 -4.49 45.01
CA CYS A 126 22.14 -3.71 46.24
C CYS A 126 23.25 -4.20 47.16
N LYS A 127 24.17 -3.30 47.53
CA LYS A 127 25.15 -3.65 48.55
C LYS A 127 24.45 -3.98 49.85
N ASP A 128 23.43 -3.20 50.22
CA ASP A 128 22.66 -3.41 51.44
C ASP A 128 21.18 -3.45 51.11
N GLY A 129 20.51 -4.52 51.51
CA GLY A 129 19.09 -4.63 51.30
C GLY A 129 18.73 -5.27 49.97
N ASN A 130 17.47 -5.08 49.62
CA ASN A 130 16.90 -5.63 48.44
C ASN A 130 16.28 -4.60 47.51
N ILE A 131 16.22 -4.96 46.25
CA ILE A 131 15.71 -4.13 45.21
C ILE A 131 14.24 -3.86 45.26
N ASN A 132 13.88 -2.71 44.75
CA ASN A 132 12.53 -2.29 44.60
C ASN A 132 12.47 -1.35 43.43
N ILE A 133 11.80 -1.76 42.38
CA ILE A 133 11.71 -1.00 41.16
C ILE A 133 10.60 0.03 41.13
N LYS A 134 10.96 1.28 40.99
CA LYS A 134 9.97 2.33 40.91
C LYS A 134 9.49 2.46 39.48
N SER A 135 10.40 2.32 38.52
CA SER A 135 10.06 2.51 37.13
C SER A 135 11.14 1.89 36.25
N ALA A 136 10.72 1.24 35.17
CA ALA A 136 11.64 0.69 34.18
C ALA A 136 11.03 0.95 32.81
N LEU A 137 11.71 1.74 31.99
CA LEU A 137 11.17 2.23 30.74
C LEU A 137 12.06 1.83 29.57
N LEU A 138 11.43 1.45 28.47
CA LEU A 138 12.12 0.95 27.29
C LEU A 138 12.00 2.02 26.19
N HIS A 139 13.11 2.68 25.92
CA HIS A 139 13.20 3.82 25.02
C HIS A 139 13.66 3.36 23.64
N SER A 140 12.97 3.84 22.60
CA SER A 140 13.37 3.59 21.21
C SER A 140 12.99 4.81 20.38
N PRO A 141 13.67 5.95 20.62
CA PRO A 141 13.24 7.22 20.03
C PRO A 141 13.39 7.31 18.51
N PHE A 142 14.13 6.41 17.88
CA PHE A 142 14.25 6.39 16.42
C PHE A 142 13.17 5.53 15.74
N CYS A 143 12.36 4.81 16.51
CA CYS A 143 11.33 3.91 15.99
C CYS A 143 9.94 4.56 16.13
N GLU A 144 8.95 4.00 15.41
CA GLU A 144 7.65 4.65 15.45
C GLU A 144 7.01 4.53 16.82
N ILE A 145 7.27 3.44 17.56
CA ILE A 145 6.88 3.34 18.96
C ILE A 145 8.10 3.78 19.78
N LYS A 146 7.97 4.90 20.52
CA LYS A 146 9.16 5.50 21.12
C LYS A 146 9.37 5.07 22.56
N LEU A 147 8.34 4.55 23.21
CA LEU A 147 8.38 4.31 24.63
C LEU A 147 7.48 3.14 24.97
N ASP A 149 6.48 1.04 28.69
CA ASP A 149 6.65 0.92 30.15
C ASP A 149 6.76 -0.57 30.52
N ILE A 150 7.96 -1.04 30.87
CA ILE A 150 8.12 -2.43 31.26
C ILE A 150 8.23 -2.58 32.78
N SER A 151 7.76 -1.57 33.52
CA SER A 151 7.93 -1.56 34.97
C SER A 151 7.38 -2.84 35.61
N GLU A 152 6.19 -3.29 35.19
CA GLU A 152 5.57 -4.42 35.87
C GLU A 152 6.39 -5.70 35.67
N TYR A 153 6.97 -5.88 34.48
CA TYR A 153 7.80 -7.05 34.23
C TYR A 153 9.05 -7.05 35.10
N ILE A 154 9.76 -5.92 35.11
CA ILE A 154 10.99 -5.81 35.89
C ILE A 154 10.69 -5.93 37.38
N ARG A 155 9.60 -5.36 37.78
CA ARG A 155 9.21 -5.41 39.16
C ARG A 155 8.98 -6.83 39.65
N LYS A 156 8.29 -7.66 38.87
CA LYS A 156 8.03 -9.02 39.34
C LYS A 156 9.31 -9.86 39.29
N CYS A 158 12.42 -8.70 39.80
CA CYS A 158 13.50 -8.23 40.66
C CYS A 158 13.17 -7.81 42.10
N ASP A 159 11.94 -7.38 42.37
CA ASP A 159 11.64 -6.83 43.68
C ASP A 159 11.92 -7.85 44.77
N ASN A 160 12.53 -7.37 45.85
CA ASN A 160 12.86 -8.14 47.04
C ASN A 160 13.98 -9.16 46.79
N ASN A 161 14.69 -9.06 45.68
CA ASN A 161 15.93 -9.79 45.47
C ASN A 161 17.11 -8.83 45.67
N LYS A 162 18.27 -9.38 45.94
CA LYS A 162 19.45 -8.59 46.17
C LYS A 162 20.01 -8.03 44.89
N GLU A 163 19.75 -8.71 43.80
CA GLU A 163 20.24 -8.29 42.52
C GLU A 163 19.20 -8.48 41.44
N CYS A 164 19.34 -7.75 40.35
CA CYS A 164 18.36 -7.77 39.29
C CYS A 164 19.01 -7.63 37.93
N LEU A 165 18.75 -8.54 37.03
CA LEU A 165 19.29 -8.42 35.72
C LEU A 165 18.26 -7.82 34.79
N ILE A 166 18.57 -6.66 34.28
CA ILE A 166 17.71 -6.01 33.27
C ILE A 166 18.48 -6.06 31.96
N ASP A 167 18.01 -6.91 31.06
CA ASP A 167 18.64 -7.17 29.78
C ASP A 167 17.64 -6.80 28.69
N PRO A 168 17.71 -5.58 28.14
CA PRO A 168 16.72 -5.13 27.14
C PRO A 168 16.58 -6.07 25.98
N LEU A 169 17.67 -6.69 25.53
CA LEU A 169 17.59 -7.66 24.44
C LEU A 169 16.71 -8.85 24.81
N ASP A 170 16.87 -9.36 26.04
CA ASP A 170 16.12 -10.53 26.46
C ASP A 170 14.68 -10.18 26.73
N VAL A 171 14.44 -9.00 27.31
CA VAL A 171 13.10 -8.50 27.52
C VAL A 171 12.35 -8.44 26.19
N GLN A 172 12.98 -7.83 25.18
CA GLN A 172 12.32 -7.66 23.89
C GLN A 172 12.17 -9.00 23.16
N LYS A 173 13.22 -9.77 23.05
CA LYS A 173 13.13 -11.02 22.35
C LYS A 173 12.19 -11.99 23.00
N ASN A 174 12.29 -12.11 24.31
CA ASN A 174 11.49 -13.07 25.03
C ASN A 174 10.23 -12.68 25.73
N LEU A 175 10.00 -11.40 25.99
CA LEU A 175 8.76 -11.00 26.63
C LEU A 175 7.89 -10.32 25.63
N LEU A 176 8.46 -9.57 24.71
CA LEU A 176 7.67 -8.86 23.73
C LEU A 176 7.67 -9.47 22.34
N ASN A 177 8.32 -10.61 22.18
CA ASN A 177 8.41 -11.32 20.90
C ASN A 177 8.83 -10.43 19.76
N GLU A 178 9.80 -9.60 20.03
CA GLU A 178 10.29 -8.57 19.13
C GLU A 178 11.25 -9.18 18.11
N GLU A 179 11.06 -8.79 16.85
CA GLU A 179 11.94 -9.19 15.77
C GLU A 179 12.48 -8.03 14.94
N ASP A 180 11.95 -6.81 15.11
CA ASP A 180 12.33 -5.72 14.20
C ASP A 180 13.70 -5.13 14.58
N PRO A 181 14.63 -5.02 13.64
CA PRO A 181 15.97 -4.47 13.98
C PRO A 181 15.93 -3.09 14.64
N CYS A 182 14.95 -2.25 14.30
CA CYS A 182 14.89 -0.93 14.92
C CYS A 182 14.86 -1.06 16.42
N TYR A 183 13.94 -1.88 16.94
CA TYR A 183 13.80 -2.08 18.37
C TYR A 183 14.92 -2.96 18.92
N ILE A 184 15.28 -4.03 18.20
CA ILE A 184 16.28 -4.96 18.74
C ILE A 184 17.63 -4.28 18.86
N ASN A 185 18.00 -3.48 17.88
CA ASN A 185 19.36 -2.95 17.90
C ASN A 185 19.47 -1.59 18.52
N ASN A 186 18.36 -0.86 18.72
CA ASN A 186 18.49 0.48 19.25
C ASN A 186 17.74 0.76 20.56
N ALA A 187 16.93 -0.15 21.08
CA ALA A 187 16.22 0.19 22.31
C ALA A 187 17.17 0.16 23.53
N TYR A 188 16.90 1.01 24.52
CA TYR A 188 17.67 0.99 25.75
C TYR A 188 16.69 1.29 26.87
N VAL A 189 17.15 1.13 28.12
CA VAL A 189 16.23 1.19 29.26
C VAL A 189 16.67 2.33 30.18
N SER A 190 15.70 2.96 30.85
CA SER A 190 16.02 3.77 32.01
C SER A 190 15.33 3.15 33.22
N VAL A 191 15.98 3.21 34.36
CA VAL A 191 15.42 2.60 35.56
C VAL A 191 15.50 3.56 36.74
N ASN A 192 14.48 3.54 37.59
CA ASN A 192 14.46 4.25 38.86
C ASN A 192 14.28 3.19 39.93
N VAL A 193 15.25 3.10 40.85
CA VAL A 193 15.32 1.93 41.73
C VAL A 193 15.84 2.33 43.10
N VAL A 194 15.41 1.59 44.13
CA VAL A 194 15.79 1.86 45.51
C VAL A 194 16.20 0.54 46.15
N CYS A 195 17.13 0.61 47.12
CA CYS A 195 17.48 -0.53 47.97
C CYS A 195 16.84 -0.32 49.33
N ASN A 196 16.05 -1.31 49.79
CA ASN A 196 15.32 -1.21 51.03
C ASN A 196 15.91 -2.15 52.08
N LYS A 197 16.14 -1.62 53.28
CA LYS A 197 16.71 -2.27 54.47
C LYS A 197 18.17 -2.67 54.28
N ASP B 11 -1.59 19.11 9.29
CA ASP B 11 -1.34 18.11 8.24
C ASP B 11 -0.54 18.74 7.10
N ILE B 12 0.66 18.21 6.86
CA ILE B 12 1.49 18.75 5.78
C ILE B 12 0.83 18.43 4.46
N GLN B 13 0.70 19.42 3.62
CA GLN B 13 0.11 19.21 2.30
C GLN B 13 1.18 18.76 1.31
N MET B 14 0.91 17.66 0.60
CA MET B 14 1.80 17.14 -0.44
C MET B 14 1.20 17.40 -1.82
N THR B 15 2.05 17.82 -2.76
CA THR B 15 1.57 18.22 -4.09
C THR B 15 2.39 17.52 -5.16
N GLN B 16 1.73 16.71 -5.97
CA GLN B 16 2.31 16.11 -7.17
C GLN B 16 1.86 16.91 -8.37
N THR B 17 2.79 17.58 -9.03
CA THR B 17 2.38 18.59 -10.00
C THR B 17 1.77 17.97 -11.25
N THR B 18 2.41 16.96 -11.80
CA THR B 18 1.85 16.30 -12.97
C THR B 18 0.74 15.35 -12.52
N SER B 19 -0.45 15.52 -13.10
CA SER B 19 -1.58 14.62 -12.86
C SER B 19 -1.47 13.33 -13.67
N SER B 20 -0.89 13.42 -14.88
CA SER B 20 -0.98 12.36 -15.88
C SER B 20 0.22 12.47 -16.83
N LEU B 21 0.85 11.33 -17.11
CA LEU B 21 2.10 11.25 -17.85
C LEU B 21 2.02 10.17 -18.93
N SER B 22 2.58 10.46 -20.09
CA SER B 22 2.62 9.55 -21.22
C SER B 22 4.02 9.44 -21.70
N ALA B 23 4.58 8.25 -21.76
CA ALA B 23 5.96 8.05 -22.17
C ALA B 23 6.07 6.73 -22.92
N SER B 24 7.12 6.60 -23.72
CA SER B 24 7.29 5.38 -24.50
C SER B 24 8.08 4.32 -23.72
N LEU B 25 8.01 3.08 -24.19
CA LEU B 25 8.81 2.00 -23.64
C LEU B 25 10.30 2.34 -23.72
N GLY B 26 11.05 1.94 -22.71
CA GLY B 26 12.47 2.23 -22.68
C GLY B 26 12.81 3.64 -22.20
N ASP B 27 11.85 4.54 -22.23
CA ASP B 27 12.03 5.92 -21.79
C ASP B 27 12.40 6.02 -20.32
N ARG B 28 12.68 7.24 -19.91
CA ARG B 28 13.00 7.54 -18.53
C ARG B 28 12.00 8.60 -18.14
N VAL B 29 11.33 8.40 -17.02
CA VAL B 29 10.33 9.34 -16.56
C VAL B 29 10.66 9.82 -15.15
N THR B 30 10.29 11.06 -14.89
CA THR B 30 10.44 11.64 -13.56
C THR B 30 9.09 12.09 -13.04
N ILE B 31 8.81 11.75 -11.81
CA ILE B 31 7.60 12.16 -11.14
C ILE B 31 8.04 13.01 -9.95
N SER B 32 7.49 14.21 -9.85
CA SER B 32 7.84 15.13 -8.80
C SER B 32 6.82 15.28 -7.69
N CYS B 33 7.29 15.68 -6.53
CA CYS B 33 6.47 15.83 -5.37
C CYS B 33 7.00 16.97 -4.54
N ARG B 34 6.13 17.77 -3.98
CA ARG B 34 6.55 18.89 -3.19
C ARG B 34 5.74 19.04 -1.93
N ALA B 35 6.43 19.15 -0.81
CA ALA B 35 5.78 19.31 0.48
C ALA B 35 5.60 20.79 0.81
N SER B 36 4.65 21.09 1.64
CA SER B 36 4.37 22.46 2.03
C SER B 36 5.35 23.03 3.06
N GLN B 37 6.25 22.19 3.56
CA GLN B 37 7.28 22.57 4.50
C GLN B 37 8.38 21.53 4.47
N ASP B 38 9.58 21.86 4.88
CA ASP B 38 10.69 20.93 4.82
C ASP B 38 10.31 19.63 5.54
N ILE B 39 10.42 18.49 4.85
CA ILE B 39 10.12 17.19 5.45
C ILE B 39 11.37 16.34 5.67
N SER B 40 12.56 16.95 5.63
CA SER B 40 13.80 16.29 6.10
C SER B 40 13.96 14.87 5.57
N ASN B 41 13.67 14.68 4.29
CA ASN B 41 13.91 13.44 3.56
C ASN B 41 13.03 12.28 3.98
N TYR B 42 12.07 12.49 4.85
CA TYR B 42 11.18 11.42 5.25
C TYR B 42 10.06 11.30 4.22
N LEU B 43 10.40 10.86 3.04
CA LEU B 43 9.45 10.74 1.96
C LEU B 43 9.42 9.38 1.30
N ASN B 44 8.24 8.84 1.10
CA ASN B 44 8.06 7.54 0.50
C ASN B 44 7.35 7.59 -0.82
N TRP B 45 7.52 6.56 -1.62
CA TRP B 45 6.87 6.46 -2.93
C TRP B 45 6.14 5.14 -3.07
N TYR B 46 4.94 5.21 -3.65
CA TYR B 46 4.10 4.03 -3.83
C TYR B 46 3.67 3.91 -5.27
N GLN B 47 3.49 2.66 -5.70
CA GLN B 47 2.93 2.32 -6.99
C GLN B 47 1.58 1.66 -6.77
N GLN B 48 0.53 2.20 -7.39
CA GLN B 48 -0.76 1.52 -7.37
C GLN B 48 -1.09 1.07 -8.78
N LYS B 49 -1.20 -0.24 -8.97
CA LYS B 49 -1.47 -0.78 -10.28
C LYS B 49 -2.97 -0.67 -10.57
N PRO B 50 -3.37 -0.82 -11.83
CA PRO B 50 -4.80 -0.65 -12.17
C PRO B 50 -5.75 -1.44 -11.28
N ASP B 51 -5.36 -2.61 -10.78
CA ASP B 51 -6.24 -3.43 -9.93
C ASP B 51 -6.39 -2.91 -8.51
N GLY B 52 -5.70 -1.83 -8.15
CA GLY B 52 -5.86 -1.22 -6.85
C GLY B 52 -4.79 -1.61 -5.83
N THR B 53 -3.97 -2.62 -6.15
CA THR B 53 -2.94 -3.08 -5.23
C THR B 53 -1.87 -2.00 -5.08
N VAL B 54 -1.54 -1.69 -3.83
CA VAL B 54 -0.55 -0.66 -3.51
C VAL B 54 0.76 -1.34 -3.09
N LYS B 55 1.89 -0.86 -3.63
CA LYS B 55 3.20 -1.40 -3.31
C LYS B 55 4.13 -0.26 -2.94
N LEU B 56 4.89 -0.45 -1.86
CA LEU B 56 5.92 0.49 -1.48
C LEU B 56 7.10 0.32 -2.44
N LEU B 57 7.58 1.43 -3.00
CA LEU B 57 8.75 1.42 -3.86
C LEU B 57 9.97 1.90 -3.12
N ILE B 58 9.88 3.06 -2.49
CA ILE B 58 11.03 3.75 -1.92
C ILE B 58 10.61 4.37 -0.60
N TYR B 59 11.50 4.32 0.40
CA TYR B 59 11.28 5.05 1.64
C TYR B 59 12.51 5.88 1.95
N TYR B 60 12.37 6.85 2.86
CA TYR B 60 13.47 7.72 3.25
C TYR B 60 14.16 8.33 2.03
N THR B 61 13.35 8.83 1.09
CA THR B 61 13.78 9.54 -0.12
C THR B 61 14.34 8.60 -1.19
N SER B 62 15.27 7.72 -0.80
CA SER B 62 16.10 7.03 -1.79
C SER B 62 16.31 5.56 -1.49
N ARG B 63 15.89 5.06 -0.32
CA ARG B 63 16.10 3.66 0.03
C ARG B 63 15.10 2.80 -0.73
N LEU B 64 15.58 1.87 -1.54
CA LEU B 64 14.67 0.99 -2.25
C LEU B 64 14.02 0.01 -1.29
N HIS B 65 12.70 -0.14 -1.39
CA HIS B 65 12.05 -1.22 -0.66
C HIS B 65 12.54 -2.58 -1.19
N SER B 66 12.61 -3.57 -0.28
CA SER B 66 13.10 -4.91 -0.66
C SER B 66 12.34 -5.49 -1.84
N GLY B 67 13.08 -5.97 -2.83
CA GLY B 67 12.51 -6.60 -3.99
C GLY B 67 12.10 -5.67 -5.11
N VAL B 68 12.21 -4.36 -4.91
CA VAL B 68 11.88 -3.41 -5.96
C VAL B 68 13.06 -3.30 -6.93
N SER B 69 12.75 -3.20 -8.22
CA SER B 69 13.79 -3.13 -9.24
C SER B 69 14.60 -1.83 -9.13
N SER B 70 15.91 -1.94 -9.39
CA SER B 70 16.79 -0.79 -9.37
C SER B 70 16.52 0.19 -10.50
N ARG B 71 15.59 -0.11 -11.41
CA ARG B 71 15.10 0.89 -12.35
C ARG B 71 14.43 2.07 -11.63
N PHE B 72 13.91 1.86 -10.43
CA PHE B 72 13.31 2.92 -9.63
C PHE B 72 14.39 3.54 -8.76
N SER B 73 14.44 4.88 -8.74
CA SER B 73 15.32 5.61 -7.84
C SER B 73 14.60 6.86 -7.33
N GLY B 74 14.99 7.30 -6.14
CA GLY B 74 14.43 8.51 -5.57
C GLY B 74 15.52 9.48 -5.16
N SER B 75 15.17 10.76 -5.23
CA SER B 75 16.10 11.83 -4.89
C SER B 75 15.30 12.98 -4.29
N GLY B 76 16.03 13.94 -3.71
CA GLY B 76 15.42 15.14 -3.18
C GLY B 76 15.92 15.55 -1.80
N SER B 77 15.46 16.74 -1.37
CA SER B 77 15.74 17.30 -0.05
C SER B 77 14.78 18.48 0.17
N GLY B 78 14.74 18.95 1.40
CA GLY B 78 13.90 20.10 1.70
C GLY B 78 12.45 19.75 1.43
N THR B 79 11.83 20.49 0.52
CA THR B 79 10.44 20.26 0.16
C THR B 79 10.25 19.50 -1.14
N ASP B 80 11.31 19.34 -1.95
CA ASP B 80 11.19 18.88 -3.34
C ASP B 80 11.84 17.51 -3.53
N TYR B 81 11.11 16.59 -4.14
CA TYR B 81 11.52 15.19 -4.22
C TYR B 81 11.11 14.66 -5.58
N SER B 82 11.83 13.65 -6.07
CA SER B 82 11.62 13.12 -7.41
C SER B 82 11.73 11.60 -7.42
N LEU B 83 10.78 10.96 -8.07
CA LEU B 83 10.86 9.53 -8.40
C LEU B 83 11.30 9.40 -9.85
N THR B 84 12.34 8.61 -10.08
CA THR B 84 12.81 8.36 -11.45
C THR B 84 12.62 6.89 -11.78
N ILE B 85 12.08 6.62 -12.96
CA ILE B 85 11.92 5.26 -13.45
C ILE B 85 12.73 5.17 -14.72
N LYS B 86 13.71 4.28 -14.75
CA LYS B 86 14.55 4.13 -15.92
C LYS B 86 14.06 2.95 -16.76
N ASN B 87 14.33 3.02 -18.05
CA ASN B 87 13.97 1.97 -19.02
C ASN B 87 12.56 1.43 -18.77
N LEU B 88 11.58 2.32 -19.01
CA LEU B 88 10.17 2.02 -18.75
C LEU B 88 9.79 0.68 -19.35
N GLU B 89 9.06 -0.11 -18.58
CA GLU B 89 8.55 -1.40 -19.02
C GLU B 89 7.02 -1.37 -19.01
N GLN B 90 6.42 -2.32 -19.69
CA GLN B 90 4.96 -2.37 -19.74
C GLN B 90 4.35 -2.47 -18.36
N GLU B 91 4.96 -3.27 -17.53
CA GLU B 91 4.54 -3.49 -16.17
C GLU B 91 4.39 -2.19 -15.36
N ASP B 92 4.94 -1.10 -15.84
CA ASP B 92 4.92 0.14 -15.10
C ASP B 92 3.64 0.97 -15.12
N ILE B 93 2.68 0.58 -15.91
CA ILE B 93 1.39 1.29 -15.95
C ILE B 93 0.79 1.26 -14.56
N ALA B 94 0.58 2.44 -13.98
CA ALA B 94 0.20 2.51 -12.58
C ALA B 94 -0.05 3.97 -12.23
N THR B 95 -0.52 4.20 -11.02
CA THR B 95 -0.54 5.54 -10.41
C THR B 95 0.50 5.58 -9.32
N TYR B 96 1.33 6.62 -9.33
CA TYR B 96 2.43 6.76 -8.40
C TYR B 96 2.13 7.86 -7.39
N PHE B 97 2.32 7.56 -6.10
CA PHE B 97 1.97 8.46 -5.01
C PHE B 97 3.18 8.72 -4.12
N CYS B 98 3.41 9.99 -3.73
CA CYS B 98 4.35 10.19 -2.64
C CYS B 98 3.60 10.28 -1.30
N GLN B 99 4.38 10.28 -0.22
CA GLN B 99 3.83 10.40 1.12
C GLN B 99 4.92 10.88 2.06
N GLN B 100 4.64 11.93 2.84
CA GLN B 100 5.56 12.31 3.91
C GLN B 100 5.24 11.55 5.19
N VAL B 101 6.28 11.15 5.93
CA VAL B 101 6.09 10.64 7.30
C VAL B 101 6.99 11.41 8.26
N ASN B 102 7.36 12.64 7.90
CA ASN B 102 8.19 13.45 8.80
C ASN B 102 7.39 13.94 9.99
N ALA B 103 6.13 14.31 9.80
CA ALA B 103 5.27 14.73 10.89
C ALA B 103 3.95 13.99 10.80
N LEU B 104 3.59 13.29 11.86
CA LEU B 104 2.34 12.57 11.87
C LEU B 104 1.18 13.55 12.05
N PRO B 105 0.03 13.26 11.46
CA PRO B 105 -0.25 12.08 10.63
C PRO B 105 0.42 12.12 9.24
N PRO B 106 0.74 10.95 8.68
CA PRO B 106 1.29 10.92 7.32
C PRO B 106 0.27 11.47 6.33
N THR B 107 0.79 11.99 5.22
CA THR B 107 -0.06 12.56 4.18
C THR B 107 0.48 12.20 2.80
N PHE B 108 -0.44 12.00 1.87
CA PHE B 108 -0.15 11.58 0.50
C PHE B 108 -0.25 12.76 -0.46
N GLY B 109 0.54 12.70 -1.53
CA GLY B 109 0.25 13.51 -2.70
C GLY B 109 -0.94 12.96 -3.46
N GLY B 110 -1.45 13.76 -4.41
CA GLY B 110 -2.65 13.40 -5.15
C GLY B 110 -2.44 12.33 -6.21
N GLY B 111 -1.20 11.95 -6.50
CA GLY B 111 -0.88 10.85 -7.41
C GLY B 111 -0.61 11.30 -8.83
N THR B 112 0.21 10.50 -9.54
CA THR B 112 0.50 10.76 -10.95
C THR B 112 0.25 9.48 -11.74
N LYS B 113 -0.65 9.56 -12.71
CA LYS B 113 -1.00 8.43 -13.55
C LYS B 113 0.02 8.32 -14.67
N LEU B 114 0.53 7.11 -14.89
CA LEU B 114 1.50 6.87 -15.94
C LEU B 114 0.85 6.00 -16.99
N GLU B 115 0.86 6.48 -18.23
CA GLU B 115 0.39 5.74 -19.38
C GLU B 115 1.57 5.50 -20.34
N ILE B 116 1.58 4.31 -20.96
CA ILE B 116 2.63 3.90 -21.89
C ILE B 116 2.11 4.09 -23.31
N LYS B 117 2.89 4.76 -24.14
CA LYS B 117 2.53 4.97 -25.53
C LYS B 117 2.65 3.66 -26.32
N ARG B 118 1.88 3.59 -27.42
CA ARG B 118 1.97 2.49 -28.38
C ARG B 118 1.49 3.01 -29.73
N ALA B 119 1.63 2.16 -30.76
CA ALA B 119 1.16 2.52 -32.08
C ALA B 119 -0.37 2.58 -32.10
N ASP B 120 -0.90 3.50 -32.92
CA ASP B 120 -2.34 3.64 -33.06
C ASP B 120 -2.96 2.31 -33.46
N ALA B 121 -4.21 2.08 -33.03
CA ALA B 121 -4.89 0.84 -33.39
C ALA B 121 -6.39 1.08 -33.48
N ALA B 122 -6.99 0.64 -34.59
CA ALA B 122 -8.43 0.70 -34.77
C ALA B 122 -9.15 -0.27 -33.82
N PRO B 123 -10.36 0.04 -33.39
CA PRO B 123 -11.08 -0.89 -32.51
C PRO B 123 -11.47 -2.16 -33.24
N THR B 124 -11.49 -3.27 -32.48
CA THR B 124 -12.14 -4.51 -32.89
C THR B 124 -13.57 -4.43 -32.39
N VAL B 125 -14.53 -4.33 -33.30
CA VAL B 125 -15.93 -4.10 -32.94
C VAL B 125 -16.70 -5.41 -33.08
N SER B 126 -17.48 -5.77 -32.06
CA SER B 126 -18.37 -6.94 -32.08
C SER B 126 -19.72 -6.56 -31.49
N ILE B 127 -20.81 -7.00 -32.12
CA ILE B 127 -22.17 -6.65 -31.69
C ILE B 127 -22.95 -7.92 -31.35
N PHE B 128 -23.79 -7.84 -30.32
CA PHE B 128 -24.57 -8.97 -29.84
C PHE B 128 -26.03 -8.58 -29.64
N PRO B 129 -26.95 -9.34 -30.20
CA PRO B 129 -28.38 -9.15 -29.92
C PRO B 129 -28.70 -9.53 -28.49
N PRO B 130 -29.86 -9.12 -27.97
CA PRO B 130 -30.32 -9.67 -26.69
C PRO B 130 -30.31 -11.21 -26.74
N SER B 131 -29.93 -11.81 -25.62
CA SER B 131 -30.05 -13.24 -25.49
C SER B 131 -31.49 -13.67 -25.29
N SER B 132 -31.77 -14.92 -25.68
CA SER B 132 -33.07 -15.53 -25.40
C SER B 132 -33.40 -15.44 -23.92
N GLU B 133 -32.40 -15.67 -23.07
CA GLU B 133 -32.62 -15.63 -21.63
C GLU B 133 -33.11 -14.26 -21.21
N GLN B 134 -32.45 -13.20 -21.68
CA GLN B 134 -32.86 -11.86 -21.24
C GLN B 134 -34.25 -11.54 -21.77
N LEU B 135 -34.54 -11.92 -23.01
CA LEU B 135 -35.86 -11.62 -23.58
C LEU B 135 -36.97 -12.32 -22.80
N THR B 136 -36.71 -13.56 -22.36
CA THR B 136 -37.69 -14.30 -21.58
C THR B 136 -38.09 -13.54 -20.33
N SER B 137 -37.17 -12.76 -19.75
CA SER B 137 -37.50 -11.96 -18.57
C SER B 137 -38.17 -10.64 -18.91
N GLY B 138 -38.21 -10.25 -20.18
CA GLY B 138 -38.88 -9.02 -20.56
C GLY B 138 -37.97 -7.88 -20.98
N GLY B 139 -36.65 -8.03 -20.88
CA GLY B 139 -35.73 -6.97 -21.20
C GLY B 139 -34.98 -7.29 -22.48
N ALA B 140 -34.36 -6.25 -23.05
CA ALA B 140 -33.64 -6.42 -24.31
C ALA B 140 -32.45 -5.46 -24.29
N SER B 141 -31.25 -6.01 -24.10
CA SER B 141 -30.02 -5.25 -24.16
C SER B 141 -29.26 -5.65 -25.41
N VAL B 142 -28.89 -4.69 -26.25
CA VAL B 142 -27.99 -4.93 -27.36
C VAL B 142 -26.60 -4.43 -26.95
N VAL B 143 -25.60 -5.28 -27.09
CA VAL B 143 -24.24 -4.99 -26.68
C VAL B 143 -23.22 -4.88 -27.78
N CYS B 144 -22.30 -3.97 -27.64
CA CYS B 144 -21.26 -3.76 -28.62
C CYS B 144 -19.91 -3.45 -27.98
N PHE B 145 -18.92 -4.27 -28.24
CA PHE B 145 -17.60 -4.05 -27.71
C PHE B 145 -16.71 -3.40 -28.76
N LEU B 146 -15.87 -2.47 -28.34
CA LEU B 146 -14.89 -1.77 -29.19
C LEU B 146 -13.66 -2.07 -28.41
N ASN B 147 -12.83 -2.99 -28.88
CA ASN B 147 -11.77 -3.52 -28.08
C ASN B 147 -10.40 -3.23 -28.68
N ASN B 148 -9.42 -3.08 -27.79
CA ASN B 148 -8.01 -3.05 -28.15
C ASN B 148 -7.71 -1.92 -29.15
N PHE B 149 -8.18 -0.72 -28.85
CA PHE B 149 -7.89 0.42 -29.70
C PHE B 149 -6.93 1.38 -29.00
N TYR B 150 -6.40 2.32 -29.78
CA TYR B 150 -5.48 3.32 -29.25
C TYR B 150 -5.39 4.48 -30.22
N PRO B 151 -5.49 5.74 -29.77
CA PRO B 151 -5.59 6.27 -28.39
C PRO B 151 -6.96 6.12 -27.75
N LYS B 152 -7.10 6.64 -26.52
CA LYS B 152 -8.30 6.52 -25.70
C LYS B 152 -9.55 6.97 -26.43
N ASP B 153 -9.49 8.15 -27.03
CA ASP B 153 -10.70 8.83 -27.46
C ASP B 153 -11.40 8.01 -28.54
N ILE B 154 -12.69 7.78 -28.33
CA ILE B 154 -13.52 7.05 -29.28
C ILE B 154 -14.95 7.52 -29.10
N ASN B 155 -15.74 7.36 -30.15
CA ASN B 155 -17.16 7.70 -30.10
C ASN B 155 -17.92 6.54 -30.71
N VAL B 156 -19.10 6.26 -30.16
CA VAL B 156 -19.96 5.21 -30.69
C VAL B 156 -21.34 5.81 -30.92
N LYS B 157 -22.00 5.34 -31.95
CA LYS B 157 -23.33 5.78 -32.26
C LYS B 157 -24.16 4.57 -32.55
N TRP B 158 -25.37 4.54 -32.04
CA TRP B 158 -26.30 3.44 -32.28
C TRP B 158 -27.34 3.87 -33.30
N LYS B 159 -27.71 2.95 -34.18
CA LYS B 159 -28.79 3.20 -35.13
C LYS B 159 -29.77 2.05 -35.05
N ILE B 160 -31.06 2.38 -35.11
CA ILE B 160 -32.11 1.37 -35.13
C ILE B 160 -32.92 1.63 -36.40
N ASP B 161 -32.81 0.71 -37.36
CA ASP B 161 -33.45 0.87 -38.67
C ASP B 161 -33.02 2.18 -39.32
N GLY B 162 -31.72 2.45 -39.28
CA GLY B 162 -31.17 3.65 -39.87
C GLY B 162 -31.28 4.90 -39.04
N SER B 163 -32.17 4.93 -38.04
CA SER B 163 -32.35 6.11 -37.21
C SER B 163 -31.40 6.07 -36.03
N GLU B 164 -30.62 7.14 -35.87
CA GLU B 164 -29.75 7.25 -34.71
C GLU B 164 -30.55 7.20 -33.41
N ARG B 165 -29.98 6.55 -32.41
CA ARG B 165 -30.63 6.32 -31.12
C ARG B 165 -29.68 6.69 -30.00
N GLN B 166 -30.13 7.55 -29.08
CA GLN B 166 -29.31 7.95 -27.94
C GLN B 166 -29.83 7.45 -26.60
N ASN B 167 -31.15 7.39 -26.41
CA ASN B 167 -31.74 7.02 -25.13
C ASN B 167 -31.53 5.54 -24.83
N GLY B 168 -31.20 5.24 -23.58
CA GLY B 168 -30.96 3.85 -23.19
C GLY B 168 -29.57 3.34 -23.44
N VAL B 169 -28.61 4.19 -23.80
CA VAL B 169 -27.25 3.76 -24.07
C VAL B 169 -26.39 3.97 -22.84
N LEU B 170 -25.73 2.90 -22.40
CA LEU B 170 -24.79 2.94 -21.27
C LEU B 170 -23.41 2.49 -21.72
N ASN B 171 -22.42 3.36 -21.54
CA ASN B 171 -21.05 3.16 -21.97
C ASN B 171 -20.11 2.95 -20.78
N SER B 172 -19.08 2.14 -21.01
CA SER B 172 -18.09 1.87 -19.97
C SER B 172 -16.74 1.66 -20.62
N TRP B 173 -15.69 2.26 -20.05
CA TRP B 173 -14.35 2.23 -20.62
C TRP B 173 -13.38 1.56 -19.65
N THR B 174 -12.51 0.71 -20.17
CA THR B 174 -11.49 0.12 -19.30
C THR B 174 -10.36 1.12 -19.07
N ASP B 175 -9.55 0.84 -18.05
CA ASP B 175 -8.25 1.48 -17.91
C ASP B 175 -7.30 0.91 -18.97
N GLN B 176 -6.14 1.53 -19.10
CA GLN B 176 -5.17 1.06 -20.09
C GLN B 176 -4.76 -0.39 -19.80
N ASP B 177 -4.84 -1.23 -20.83
CA ASP B 177 -4.47 -2.63 -20.68
C ASP B 177 -2.99 -2.76 -20.31
N SER B 178 -2.71 -3.46 -19.21
CA SER B 178 -1.34 -3.55 -18.73
C SER B 178 -0.44 -4.35 -19.66
N LYS B 179 -1.02 -5.21 -20.51
CA LYS B 179 -0.19 -6.07 -21.36
C LYS B 179 0.10 -5.47 -22.73
N ASP B 180 -0.89 -4.90 -23.43
CA ASP B 180 -0.64 -4.36 -24.78
C ASP B 180 -0.87 -2.85 -24.92
N SER B 181 -1.16 -2.14 -23.81
CA SER B 181 -1.30 -0.69 -23.77
C SER B 181 -2.50 -0.15 -24.55
N THR B 182 -3.46 -0.99 -24.88
CA THR B 182 -4.66 -0.52 -25.56
C THR B 182 -5.78 -0.20 -24.57
N TYR B 183 -6.87 0.32 -25.10
CA TYR B 183 -8.07 0.65 -24.37
C TYR B 183 -9.23 -0.08 -25.01
N SER B 184 -10.27 -0.32 -24.22
CA SER B 184 -11.47 -1.00 -24.71
C SER B 184 -12.70 -0.31 -24.15
N MET B 185 -13.82 -0.48 -24.85
CA MET B 185 -15.04 0.17 -24.44
C MET B 185 -16.21 -0.77 -24.68
N SER B 186 -17.24 -0.64 -23.87
CA SER B 186 -18.46 -1.38 -23.98
C SER B 186 -19.63 -0.43 -24.08
N SER B 187 -20.55 -0.68 -24.99
CA SER B 187 -21.70 0.19 -25.19
C SER B 187 -22.93 -0.71 -25.23
N THR B 188 -23.87 -0.48 -24.34
CA THR B 188 -25.03 -1.34 -24.16
C THR B 188 -26.28 -0.50 -24.36
N LEU B 189 -27.09 -0.86 -25.34
CA LEU B 189 -28.34 -0.18 -25.65
C LEU B 189 -29.47 -1.00 -25.06
N THR B 190 -30.17 -0.47 -24.06
CA THR B 190 -31.22 -1.24 -23.42
C THR B 190 -32.57 -0.64 -23.75
N LEU B 191 -33.51 -1.51 -24.15
CA LEU B 191 -34.89 -1.10 -24.30
C LEU B 191 -35.79 -2.27 -23.88
N THR B 192 -37.09 -2.01 -23.84
CA THR B 192 -38.04 -3.06 -23.51
C THR B 192 -38.05 -4.12 -24.60
N LYS B 193 -38.43 -5.35 -24.21
CA LYS B 193 -38.59 -6.40 -25.20
C LYS B 193 -39.60 -6.00 -26.27
N ASP B 194 -40.68 -5.32 -25.87
CA ASP B 194 -41.67 -4.86 -26.84
C ASP B 194 -41.05 -3.93 -27.88
N GLU B 195 -40.31 -2.91 -27.42
CA GLU B 195 -39.72 -1.98 -28.39
C GLU B 195 -38.71 -2.70 -29.27
N TYR B 196 -37.91 -3.59 -28.67
CA TYR B 196 -36.93 -4.35 -29.44
C TYR B 196 -37.59 -5.10 -30.58
N GLU B 197 -38.76 -5.68 -30.32
CA GLU B 197 -39.39 -6.49 -31.32
C GLU B 197 -40.14 -5.67 -32.37
N ARG B 198 -40.21 -4.36 -32.19
CA ARG B 198 -40.82 -3.45 -33.16
C ARG B 198 -39.85 -3.03 -34.25
N HIS B 199 -38.61 -3.50 -34.23
CA HIS B 199 -37.61 -3.01 -35.18
C HIS B 199 -36.79 -4.19 -35.68
N ASN B 200 -36.13 -4.00 -36.80
CA ASN B 200 -35.36 -5.08 -37.37
C ASN B 200 -33.85 -4.99 -37.27
N SER B 201 -33.26 -3.94 -37.79
CA SER B 201 -31.81 -3.83 -37.77
C SER B 201 -31.23 -2.96 -36.67
N TYR B 202 -30.13 -3.44 -36.10
CA TYR B 202 -29.46 -2.73 -35.03
C TYR B 202 -28.02 -2.55 -35.42
N THR B 203 -27.48 -1.37 -35.18
CA THR B 203 -26.14 -1.05 -35.64
C THR B 203 -25.39 -0.25 -34.57
N CYS B 204 -24.13 -0.61 -34.32
CA CYS B 204 -23.22 0.26 -33.57
C CYS B 204 -22.07 0.63 -34.50
N GLU B 205 -21.69 1.91 -34.46
CA GLU B 205 -20.68 2.49 -35.34
C GLU B 205 -19.61 3.15 -34.50
N ALA B 206 -18.35 2.75 -34.72
CA ALA B 206 -17.22 3.25 -33.94
C ALA B 206 -16.43 4.22 -34.80
N THR B 207 -16.27 5.46 -34.32
CA THR B 207 -15.47 6.47 -34.99
C THR B 207 -14.22 6.69 -34.16
N HIS B 208 -13.07 6.44 -34.76
CA HIS B 208 -11.80 6.50 -34.07
C HIS B 208 -10.83 7.22 -34.98
N LYS B 209 -9.82 7.88 -34.39
CA LYS B 209 -8.94 8.71 -35.19
C LYS B 209 -8.17 7.90 -36.22
N THR B 210 -8.11 6.56 -36.08
CA THR B 210 -7.40 5.74 -37.06
C THR B 210 -8.10 5.67 -38.41
N SER B 211 -9.21 6.39 -38.61
CA SER B 211 -9.86 6.51 -39.91
C SER B 211 -11.05 7.46 -39.84
N THR B 212 -11.32 8.19 -40.93
CA THR B 212 -12.51 9.04 -41.01
C THR B 212 -13.78 8.22 -41.17
N SER B 213 -13.68 6.99 -41.67
CA SER B 213 -14.86 6.15 -41.90
C SER B 213 -15.14 5.30 -40.66
N PRO B 214 -16.34 5.37 -40.09
CA PRO B 214 -16.64 4.56 -38.89
C PRO B 214 -16.55 3.07 -39.20
N ILE B 215 -16.09 2.30 -38.21
CA ILE B 215 -16.21 0.84 -38.29
C ILE B 215 -17.60 0.45 -37.82
N VAL B 216 -18.31 -0.30 -38.65
CA VAL B 216 -19.74 -0.52 -38.49
C VAL B 216 -19.99 -2.01 -38.30
N LYS B 217 -20.79 -2.36 -37.29
CA LYS B 217 -21.28 -3.72 -37.11
C LYS B 217 -22.77 -3.65 -36.89
N SER B 218 -23.48 -4.65 -37.42
CA SER B 218 -24.93 -4.60 -37.44
C SER B 218 -25.47 -6.02 -37.48
N PHE B 219 -26.72 -6.18 -37.05
CA PHE B 219 -27.47 -7.41 -37.28
C PHE B 219 -28.92 -7.04 -37.56
N ASN B 220 -29.67 -8.00 -38.06
CA ASN B 220 -31.12 -7.91 -38.19
C ASN B 220 -31.79 -8.91 -37.25
N ARG B 221 -32.81 -8.43 -36.51
CA ARG B 221 -33.41 -9.25 -35.46
C ARG B 221 -33.99 -10.55 -36.02
N ASN B 222 -34.58 -10.52 -37.21
CA ASN B 222 -35.30 -11.68 -37.72
C ASN B 222 -34.40 -12.75 -38.35
N GLU B 223 -33.08 -12.65 -38.21
CA GLU B 223 -32.16 -13.62 -38.81
C GLU B 223 -31.44 -14.47 -37.73
N GLN C 20 4.65 -15.38 6.80
CA GLN C 20 4.45 -14.24 5.92
C GLN C 20 3.44 -13.27 6.53
N VAL C 21 3.71 -11.98 6.39
CA VAL C 21 2.81 -10.96 6.93
C VAL C 21 1.52 -10.97 6.14
N GLN C 22 0.37 -10.99 6.84
CA GLN C 22 -0.94 -10.90 6.19
C GLN C 22 -1.83 -9.92 6.95
N LEU C 23 -2.56 -9.10 6.20
CA LEU C 23 -3.59 -8.23 6.75
C LEU C 23 -4.88 -8.55 6.01
N GLN C 24 -5.83 -9.12 6.72
CA GLN C 24 -7.03 -9.66 6.10
C GLN C 24 -8.23 -8.75 6.36
N GLN C 25 -8.82 -8.22 5.30
CA GLN C 25 -10.01 -7.37 5.40
C GLN C 25 -11.17 -7.97 4.64
N PRO C 26 -12.40 -7.74 5.07
CA PRO C 26 -13.56 -8.18 4.30
C PRO C 26 -13.61 -7.46 2.96
N GLY C 27 -14.16 -8.13 1.95
CA GLY C 27 -14.27 -7.52 0.64
C GLY C 27 -15.13 -6.25 0.64
N ALA C 28 -16.22 -6.26 1.41
CA ALA C 28 -17.25 -5.23 1.23
C ALA C 28 -18.10 -5.07 2.50
N GLU C 29 -18.62 -3.86 2.70
CA GLU C 29 -19.62 -3.53 3.71
C GLU C 29 -20.67 -2.63 3.08
N LEU C 30 -21.95 -2.99 3.24
CA LEU C 30 -23.07 -2.17 2.82
C LEU C 30 -23.64 -1.53 4.08
N VAL C 31 -23.71 -0.20 4.10
CA VAL C 31 -24.10 0.57 5.29
C VAL C 31 -25.22 1.54 4.94
N LYS C 32 -26.30 1.53 5.73
CA LYS C 32 -27.38 2.50 5.52
C LYS C 32 -26.90 3.92 5.82
N PRO C 33 -27.35 4.92 5.05
CA PRO C 33 -26.98 6.31 5.37
C PRO C 33 -27.31 6.66 6.82
N GLY C 34 -26.38 7.35 7.48
CA GLY C 34 -26.51 7.70 8.88
C GLY C 34 -26.07 6.64 9.87
N ALA C 35 -25.89 5.39 9.43
CA ALA C 35 -25.40 4.35 10.34
C ALA C 35 -23.89 4.37 10.41
N SER C 36 -23.37 3.57 11.33
CA SER C 36 -21.93 3.38 11.49
C SER C 36 -21.57 1.94 11.19
N VAL C 37 -20.27 1.70 11.02
CA VAL C 37 -19.78 0.37 10.69
C VAL C 37 -18.41 0.25 11.30
N ARG C 38 -18.09 -0.96 11.76
CA ARG C 38 -16.77 -1.25 12.29
C ARG C 38 -16.04 -2.15 11.32
N LEU C 39 -14.95 -1.65 10.73
CA LEU C 39 -14.16 -2.43 9.78
C LEU C 39 -13.06 -3.16 10.53
N SER C 40 -12.82 -4.41 10.15
CA SER C 40 -11.81 -5.21 10.81
C SER C 40 -10.59 -5.42 9.90
N CYS C 41 -9.45 -5.56 10.54
CA CYS C 41 -8.18 -5.84 9.87
C CYS C 41 -7.45 -6.87 10.73
N LYS C 42 -7.50 -8.13 10.30
CA LYS C 42 -6.96 -9.25 11.07
C LYS C 42 -5.54 -9.52 10.60
N ALA C 43 -4.58 -9.29 11.49
CA ALA C 43 -3.16 -9.39 11.18
C ALA C 43 -2.57 -10.73 11.64
N SER C 44 -1.60 -11.23 10.88
CA SER C 44 -0.94 -12.48 11.21
C SER C 44 0.44 -12.50 10.57
N GLY C 45 1.26 -13.43 11.01
CA GLY C 45 2.60 -13.57 10.48
C GLY C 45 3.62 -12.63 11.08
N TYR C 46 3.27 -11.88 12.11
CA TYR C 46 4.23 -11.01 12.79
C TYR C 46 3.66 -10.71 14.17
N THR C 47 4.51 -10.09 15.01
CA THR C 47 4.10 -9.73 16.36
C THR C 47 3.29 -8.44 16.33
N PHE C 48 1.99 -8.53 16.65
CA PHE C 48 1.04 -7.43 16.44
C PHE C 48 1.43 -6.17 17.21
N THR C 49 1.98 -6.31 18.41
CA THR C 49 2.32 -5.14 19.22
C THR C 49 3.62 -4.46 18.82
N SER C 50 4.32 -4.97 17.81
CA SER C 50 5.56 -4.33 17.41
C SER C 50 5.35 -3.22 16.37
N TYR C 51 4.12 -2.97 15.91
CA TYR C 51 3.87 -1.97 14.86
C TYR C 51 2.58 -1.20 15.08
N PHE C 52 2.57 0.05 14.63
CA PHE C 52 1.30 0.76 14.47
C PHE C 52 0.47 0.07 13.40
N MET C 53 -0.87 0.21 13.48
CA MET C 53 -1.74 -0.04 12.33
C MET C 53 -2.24 1.29 11.81
N TYR C 54 -2.10 1.51 10.49
CA TYR C 54 -2.60 2.72 9.87
C TYR C 54 -3.77 2.36 8.97
N TRP C 55 -4.60 3.38 8.67
CA TRP C 55 -5.71 3.20 7.75
C TRP C 55 -5.71 4.29 6.68
N VAL C 56 -6.21 3.92 5.49
CA VAL C 56 -6.16 4.78 4.31
C VAL C 56 -7.49 4.64 3.56
N ARG C 57 -8.02 5.77 3.06
CA ARG C 57 -9.26 5.75 2.28
C ARG C 57 -8.93 6.02 0.81
N GLN C 58 -9.70 5.43 -0.10
CA GLN C 58 -9.65 5.83 -1.51
C GLN C 58 -11.05 5.81 -2.11
N ARG C 59 -11.60 6.99 -2.36
CA ARG C 59 -12.86 7.09 -3.09
C ARG C 59 -12.64 6.64 -4.54
N PRO C 60 -13.68 6.10 -5.19
CA PRO C 60 -13.51 5.43 -6.49
C PRO C 60 -12.52 6.05 -7.47
N GLY C 61 -12.69 7.26 -7.91
CA GLY C 61 -11.68 7.65 -8.87
C GLY C 61 -10.58 8.57 -8.39
N GLN C 62 -10.35 8.55 -7.09
CA GLN C 62 -9.42 9.44 -6.48
C GLN C 62 -8.18 8.81 -5.94
N GLY C 63 -7.41 9.61 -5.23
CA GLY C 63 -6.19 9.15 -4.66
C GLY C 63 -6.26 8.65 -3.24
N LEU C 64 -5.14 8.17 -2.77
CA LEU C 64 -5.01 7.68 -1.41
C LEU C 64 -5.09 8.83 -0.40
N GLN C 65 -5.88 8.65 0.66
CA GLN C 65 -5.98 9.65 1.72
C GLN C 65 -5.81 8.96 3.07
N SER C 66 -4.84 9.42 3.84
CA SER C 66 -4.56 8.83 5.12
C SER C 66 -5.66 9.20 6.12
N ILE C 67 -6.01 8.26 6.96
CA ILE C 67 -7.05 8.44 8.00
C ILE C 67 -6.41 8.62 9.37
N GLY C 68 -5.53 7.71 9.71
CA GLY C 68 -4.83 7.79 10.98
C GLY C 68 -4.21 6.45 11.31
N GLY C 69 -3.59 6.39 12.50
CA GLY C 69 -2.87 5.20 12.88
C GLY C 69 -2.93 5.06 14.39
N ILE C 70 -2.78 3.83 14.84
CA ILE C 70 -2.90 3.53 16.27
C ILE C 70 -1.74 2.66 16.74
N ASN C 71 -1.21 2.98 17.94
CA ASN C 71 -0.22 2.19 18.68
C ASN C 71 -0.98 1.13 19.49
N PRO C 72 -0.86 -0.15 19.15
CA PRO C 72 -1.64 -1.17 19.87
C PRO C 72 -1.21 -1.32 21.31
N ASN C 73 0.00 -0.87 21.68
CA ASN C 73 0.46 -1.02 23.07
C ASN C 73 -0.31 -0.13 24.02
N ASN C 74 -0.64 1.10 23.62
CA ASN C 74 -1.29 2.01 24.55
C ASN C 74 -2.61 2.54 24.01
N GLY C 75 -3.06 2.06 22.86
CA GLY C 75 -4.29 2.55 22.25
C GLY C 75 -4.24 3.98 21.75
N GLY C 76 -3.07 4.64 21.80
CA GLY C 76 -2.98 6.03 21.36
C GLY C 76 -2.87 6.14 19.85
N SER C 77 -3.49 7.19 19.29
CA SER C 77 -3.58 7.28 17.85
C SER C 77 -3.31 8.70 17.37
N ASN C 78 -3.02 8.83 16.08
CA ASN C 78 -3.03 10.12 15.40
C ASN C 78 -4.08 10.06 14.31
N PHE C 79 -4.64 11.21 13.95
CA PHE C 79 -5.70 11.27 12.95
C PHE C 79 -5.39 12.35 11.94
N ASN C 80 -5.71 12.08 10.68
CA ASN C 80 -5.73 13.18 9.72
C ASN C 80 -6.94 14.07 9.95
N GLU C 81 -6.77 15.35 9.62
CA GLU C 81 -7.75 16.38 9.97
C GLU C 81 -9.15 16.02 9.50
N ARG C 82 -9.27 15.56 8.25
CA ARG C 82 -10.60 15.28 7.69
C ARG C 82 -11.32 14.14 8.43
N PHE C 83 -10.63 13.37 9.25
CA PHE C 83 -11.21 12.19 9.90
C PHE C 83 -11.27 12.30 11.42
N LYS C 84 -11.01 13.48 11.98
CA LYS C 84 -10.97 13.65 13.45
C LYS C 84 -12.24 13.12 14.13
N THR C 85 -13.41 13.31 13.51
CA THR C 85 -14.64 12.75 14.06
C THR C 85 -15.20 11.58 13.24
N LYS C 86 -14.91 11.54 11.94
CA LYS C 86 -15.44 10.48 11.08
C LYS C 86 -14.95 9.09 11.51
N ALA C 87 -13.77 9.01 12.14
CA ALA C 87 -13.11 7.73 12.35
C ALA C 87 -12.70 7.56 13.81
N THR C 88 -12.83 6.32 14.31
CA THR C 88 -12.40 5.91 15.64
C THR C 88 -11.57 4.64 15.51
N LEU C 89 -10.33 4.66 15.97
CA LEU C 89 -9.44 3.50 15.87
C LEU C 89 -9.37 2.77 17.20
N THR C 90 -9.45 1.44 17.17
CA THR C 90 -9.20 0.60 18.35
C THR C 90 -8.47 -0.65 17.87
N VAL C 91 -8.01 -1.45 18.83
CA VAL C 91 -7.40 -2.75 18.56
C VAL C 91 -7.90 -3.75 19.57
N ASP C 92 -7.78 -5.02 19.20
CA ASP C 92 -7.87 -6.14 20.13
C ASP C 92 -6.52 -6.87 20.09
N LYS C 93 -5.68 -6.61 21.12
CA LYS C 93 -4.35 -7.19 21.17
C LYS C 93 -4.37 -8.71 21.24
N SER C 94 -5.33 -9.29 21.95
CA SER C 94 -5.38 -10.75 22.10
C SER C 94 -5.50 -11.44 20.75
N SER C 95 -6.44 -11.01 19.92
CA SER C 95 -6.69 -11.63 18.63
C SER C 95 -5.92 -10.98 17.49
N SER C 96 -5.08 -9.99 17.78
CA SER C 96 -4.29 -9.25 16.76
C SER C 96 -5.18 -8.71 15.64
N ILE C 97 -6.23 -8.01 16.03
CA ILE C 97 -7.16 -7.40 15.09
C ILE C 97 -7.19 -5.90 15.33
N ALA C 98 -7.12 -5.13 14.26
CA ALA C 98 -7.29 -3.68 14.31
C ALA C 98 -8.64 -3.32 13.73
N TYR C 99 -9.30 -2.34 14.35
CA TYR C 99 -10.64 -1.91 13.96
C TYR C 99 -10.65 -0.45 13.62
N LEU C 100 -11.37 -0.13 12.55
CA LEU C 100 -11.63 1.25 12.16
C LEU C 100 -13.14 1.43 12.23
N GLN C 101 -13.61 2.21 13.19
CA GLN C 101 -15.03 2.51 13.26
C GLN C 101 -15.31 3.81 12.52
N LEU C 102 -16.23 3.75 11.55
CA LEU C 102 -16.63 4.89 10.74
C LEU C 102 -18.00 5.33 11.22
N ASN C 103 -18.12 6.60 11.59
CA ASN C 103 -19.26 7.08 12.34
C ASN C 103 -20.21 7.88 11.46
N SER C 104 -21.49 7.47 11.43
CA SER C 104 -22.59 8.25 10.86
C SER C 104 -22.32 8.60 9.39
N LEU C 105 -22.27 7.55 8.59
CA LEU C 105 -21.78 7.69 7.23
C LEU C 105 -22.82 8.35 6.31
N THR C 106 -22.32 9.01 5.29
CA THR C 106 -23.12 9.53 4.19
C THR C 106 -22.60 8.90 2.90
N SER C 107 -23.34 9.09 1.80
CA SER C 107 -22.91 8.53 0.52
C SER C 107 -21.48 8.92 0.17
N GLU C 108 -21.03 10.11 0.58
CA GLU C 108 -19.67 10.57 0.30
C GLU C 108 -18.60 9.78 1.04
N ASP C 109 -18.96 8.98 2.02
CA ASP C 109 -18.01 8.07 2.65
C ASP C 109 -17.86 6.73 1.92
N SER C 110 -18.63 6.49 0.86
CA SER C 110 -18.41 5.30 0.03
C SER C 110 -17.02 5.32 -0.58
N ALA C 111 -16.26 4.23 -0.39
CA ALA C 111 -14.83 4.23 -0.66
C ALA C 111 -14.25 2.88 -0.26
N VAL C 112 -13.06 2.59 -0.77
CA VAL C 112 -12.24 1.50 -0.28
C VAL C 112 -11.47 1.98 0.93
N TYR C 113 -11.47 1.18 2.02
CA TYR C 113 -10.70 1.46 3.23
C TYR C 113 -9.66 0.38 3.42
N TYR C 114 -8.39 0.77 3.40
CA TYR C 114 -7.28 -0.15 3.64
C TYR C 114 -6.74 0.00 5.05
N CYS C 115 -6.29 -1.12 5.61
CA CYS C 115 -5.34 -1.10 6.72
C CYS C 115 -3.93 -1.32 6.18
N THR C 116 -2.94 -0.80 6.87
CA THR C 116 -1.61 -0.94 6.37
C THR C 116 -0.63 -0.76 7.51
N ARG C 117 0.58 -1.30 7.33
CA ARG C 117 1.60 -1.20 8.36
C ARG C 117 2.97 -0.98 7.72
N ARG C 118 3.88 -0.37 8.49
CA ARG C 118 5.21 -0.11 8.01
C ARG C 118 5.99 -1.37 7.82
N GLY C 119 6.85 -1.38 6.82
CA GLY C 119 7.70 -2.53 6.61
C GLY C 119 8.73 -2.71 7.73
N LEU C 120 9.35 -1.61 8.15
CA LEU C 120 10.27 -1.62 9.29
C LEU C 120 9.78 -0.65 10.37
N GLY C 121 10.25 -0.88 11.59
CA GLY C 121 9.80 -0.04 12.69
C GLY C 121 10.47 1.31 12.80
N TYR C 122 11.47 1.60 11.97
CA TYR C 122 12.10 2.93 11.96
C TYR C 122 11.05 4.00 11.64
N ASP C 123 11.22 5.18 12.24
CA ASP C 123 10.25 6.26 12.08
C ASP C 123 10.22 6.82 10.67
N TYR C 124 11.18 6.46 9.80
CA TYR C 124 11.09 6.77 8.38
C TYR C 124 10.56 5.62 7.54
N GLY C 125 10.11 4.52 8.17
CA GLY C 125 9.62 3.38 7.39
C GLY C 125 8.46 3.75 6.50
N GLY C 126 8.40 3.12 5.35
CA GLY C 126 7.24 3.24 4.48
C GLY C 126 6.25 2.12 4.73
N PHE C 127 5.08 2.25 4.10
CA PHE C 127 3.98 1.29 4.34
C PHE C 127 4.08 0.16 3.33
N ALA C 128 4.68 -0.94 3.78
CA ALA C 128 5.03 -2.04 2.90
C ALA C 128 3.95 -3.10 2.81
N TYR C 129 3.10 -3.25 3.83
CA TYR C 129 2.05 -4.28 3.84
C TYR C 129 0.69 -3.60 3.85
N TRP C 130 -0.18 -4.01 2.93
CA TRP C 130 -1.52 -3.45 2.73
C TRP C 130 -2.55 -4.57 2.73
N GLY C 131 -3.65 -4.36 3.44
CA GLY C 131 -4.81 -5.21 3.23
C GLY C 131 -5.35 -5.01 1.85
N GLN C 132 -6.25 -5.92 1.42
CA GLN C 132 -6.94 -5.80 0.14
C GLN C 132 -7.86 -4.60 0.07
N GLY C 133 -8.28 -4.05 1.21
CA GLY C 133 -9.19 -2.94 1.21
C GLY C 133 -10.64 -3.39 1.22
N THR C 134 -11.49 -2.74 2.01
CA THR C 134 -12.92 -3.05 2.10
C THR C 134 -13.68 -1.98 1.33
N LEU C 135 -14.52 -2.39 0.39
CA LEU C 135 -15.33 -1.42 -0.32
C LEU C 135 -16.58 -1.15 0.52
N VAL C 136 -16.64 0.02 1.13
CA VAL C 136 -17.80 0.43 1.90
C VAL C 136 -18.75 1.15 0.93
N THR C 137 -19.97 0.65 0.84
CA THR C 137 -21.04 1.29 0.06
C THR C 137 -22.06 1.83 1.04
N VAL C 138 -22.26 3.15 1.02
CA VAL C 138 -23.25 3.78 1.90
C VAL C 138 -24.51 4.02 1.09
N SER C 139 -25.55 3.26 1.38
CA SER C 139 -26.74 3.31 0.54
C SER C 139 -27.90 2.59 1.22
N ALA C 140 -29.12 3.06 0.90
CA ALA C 140 -30.33 2.43 1.40
C ALA C 140 -30.79 1.25 0.54
N ALA C 141 -30.20 1.04 -0.62
CA ALA C 141 -30.63 -0.04 -1.51
C ALA C 141 -30.30 -1.41 -0.92
N LYS C 142 -31.04 -2.44 -1.36
CA LYS C 142 -30.90 -3.78 -0.80
C LYS C 142 -29.98 -4.64 -1.65
N THR C 143 -29.28 -5.56 -0.99
CA THR C 143 -28.41 -6.50 -1.70
C THR C 143 -29.23 -7.32 -2.67
N THR C 144 -28.71 -7.51 -3.89
CA THR C 144 -29.46 -8.29 -4.87
C THR C 144 -28.46 -9.03 -5.74
N PRO C 145 -28.68 -10.32 -6.00
CA PRO C 145 -27.72 -11.10 -6.81
C PRO C 145 -27.80 -10.71 -8.28
N PRO C 146 -26.75 -11.00 -9.04
CA PRO C 146 -26.74 -10.64 -10.45
C PRO C 146 -27.51 -11.64 -11.30
N SER C 147 -28.11 -11.12 -12.38
CA SER C 147 -28.54 -11.95 -13.51
C SER C 147 -27.41 -11.96 -14.51
N VAL C 148 -27.18 -13.10 -15.16
CA VAL C 148 -26.08 -13.21 -16.11
C VAL C 148 -26.63 -13.71 -17.44
N TYR C 149 -26.31 -12.99 -18.53
CA TYR C 149 -26.83 -13.34 -19.84
C TYR C 149 -25.70 -13.61 -20.82
N PRO C 150 -25.81 -14.65 -21.64
CA PRO C 150 -24.72 -15.00 -22.55
C PRO C 150 -24.71 -14.09 -23.76
N LEU C 151 -23.51 -13.73 -24.24
CA LEU C 151 -23.36 -12.94 -25.47
C LEU C 151 -22.66 -13.84 -26.48
N ALA C 152 -23.44 -14.42 -27.38
CA ALA C 152 -23.00 -15.40 -28.35
C ALA C 152 -23.07 -14.82 -29.76
N PRO C 153 -22.11 -15.11 -30.61
CA PRO C 153 -22.13 -14.55 -31.97
C PRO C 153 -23.16 -15.26 -32.83
N GLY C 154 -23.54 -14.57 -33.90
CA GLY C 154 -24.42 -15.14 -34.91
C GLY C 154 -23.68 -16.08 -35.84
N SER C 155 -24.30 -16.36 -36.98
CA SER C 155 -23.68 -17.25 -37.96
C SER C 155 -22.32 -16.70 -38.37
N ALA C 156 -21.41 -17.62 -38.71
CA ALA C 156 -20.08 -17.21 -39.14
C ALA C 156 -19.54 -18.24 -40.13
N ALA C 157 -18.78 -17.75 -41.10
CA ALA C 157 -18.12 -18.62 -42.06
C ALA C 157 -17.05 -19.46 -41.35
N GLN C 158 -16.62 -20.52 -42.05
CA GLN C 158 -15.50 -21.34 -41.61
C GLN C 158 -14.19 -20.64 -42.01
N THR C 159 -13.81 -19.63 -41.20
CA THR C 159 -12.55 -18.93 -41.41
C THR C 159 -11.79 -18.83 -40.10
N ASN C 160 -10.55 -18.34 -40.17
CA ASN C 160 -9.71 -18.24 -38.98
C ASN C 160 -9.87 -16.90 -38.28
N SER C 161 -10.94 -16.14 -38.55
CA SER C 161 -11.15 -14.93 -37.78
C SER C 161 -11.45 -15.30 -36.33
N MET C 162 -10.82 -14.62 -35.38
CA MET C 162 -11.06 -14.91 -33.96
C MET C 162 -12.49 -14.59 -33.56
N VAL C 163 -12.98 -15.30 -32.54
CA VAL C 163 -14.36 -15.27 -32.08
C VAL C 163 -14.41 -14.52 -30.75
N THR C 164 -15.28 -13.50 -30.69
CA THR C 164 -15.50 -12.75 -29.46
C THR C 164 -16.81 -13.18 -28.81
N LEU C 165 -16.75 -13.51 -27.55
CA LEU C 165 -17.91 -13.91 -26.78
C LEU C 165 -17.97 -13.02 -25.58
N GLY C 166 -19.03 -13.13 -24.82
CA GLY C 166 -19.16 -12.35 -23.63
C GLY C 166 -20.32 -12.70 -22.74
N CYS C 167 -20.43 -11.96 -21.67
CA CYS C 167 -21.53 -12.09 -20.77
C CYS C 167 -21.90 -10.74 -20.21
N LEU C 168 -23.19 -10.54 -20.03
CA LEU C 168 -23.73 -9.31 -19.53
C LEU C 168 -24.28 -9.61 -18.15
N VAL C 169 -23.88 -8.80 -17.19
CA VAL C 169 -24.26 -8.98 -15.79
C VAL C 169 -25.09 -7.78 -15.38
N LYS C 170 -26.32 -8.03 -14.93
CA LYS C 170 -27.28 -6.98 -14.63
C LYS C 170 -27.93 -7.22 -13.28
N GLY C 171 -28.45 -6.13 -12.72
CA GLY C 171 -29.39 -6.22 -11.64
C GLY C 171 -28.83 -6.55 -10.27
N TYR C 172 -27.54 -6.28 -10.02
CA TYR C 172 -26.96 -6.60 -8.73
C TYR C 172 -26.65 -5.33 -7.93
N PHE C 173 -26.45 -5.54 -6.63
CA PHE C 173 -26.10 -4.50 -5.67
C PHE C 173 -25.65 -5.14 -4.37
N PRO C 174 -24.60 -4.61 -3.71
CA PRO C 174 -23.67 -3.56 -4.15
C PRO C 174 -22.52 -4.15 -4.98
N GLU C 175 -21.58 -3.29 -5.35
CA GLU C 175 -20.30 -3.71 -5.92
C GLU C 175 -19.44 -4.33 -4.82
N PRO C 176 -18.46 -5.19 -5.16
CA PRO C 176 -18.02 -5.65 -6.48
C PRO C 176 -18.62 -6.96 -6.95
N VAL C 177 -18.57 -7.16 -8.25
CA VAL C 177 -18.69 -8.45 -8.88
C VAL C 177 -17.35 -8.75 -9.55
N THR C 178 -16.91 -10.00 -9.53
CA THR C 178 -15.73 -10.40 -10.31
C THR C 178 -16.17 -11.37 -11.39
N VAL C 179 -15.44 -11.37 -12.50
CA VAL C 179 -15.74 -12.26 -13.62
C VAL C 179 -14.45 -12.96 -14.01
N THR C 180 -14.54 -14.28 -14.20
CA THR C 180 -13.46 -15.04 -14.81
C THR C 180 -14.08 -15.88 -15.93
N TRP C 181 -13.21 -16.52 -16.70
CA TRP C 181 -13.66 -17.37 -17.81
C TRP C 181 -13.04 -18.74 -17.68
N ASN C 182 -13.85 -19.78 -17.86
CA ASN C 182 -13.44 -21.18 -17.66
C ASN C 182 -12.71 -21.35 -16.33
N SER C 183 -13.28 -20.76 -15.27
CA SER C 183 -12.73 -20.83 -13.90
C SER C 183 -11.29 -20.32 -13.82
N GLY C 184 -10.97 -19.33 -14.62
CA GLY C 184 -9.67 -18.74 -14.60
C GLY C 184 -8.69 -19.27 -15.61
N SER C 185 -9.06 -20.33 -16.31
CA SER C 185 -8.21 -20.95 -17.31
C SER C 185 -8.02 -20.14 -18.54
N LEU C 186 -9.05 -19.39 -18.90
CA LEU C 186 -9.06 -18.55 -20.06
C LEU C 186 -8.77 -17.20 -19.52
N SER C 187 -7.52 -16.78 -19.59
CA SER C 187 -7.13 -15.49 -19.05
C SER C 187 -6.71 -14.44 -20.01
N SER C 188 -6.17 -14.82 -21.15
CA SER C 188 -5.80 -13.82 -22.14
C SER C 188 -6.98 -13.50 -23.05
N GLY C 189 -6.96 -12.29 -23.63
CA GLY C 189 -8.02 -11.83 -24.50
C GLY C 189 -9.32 -11.47 -23.80
N VAL C 190 -9.29 -11.25 -22.46
CA VAL C 190 -10.48 -10.91 -21.65
C VAL C 190 -10.50 -9.41 -21.42
N HIS C 191 -11.68 -8.79 -21.54
CA HIS C 191 -11.91 -7.42 -21.08
C HIS C 191 -13.14 -7.43 -20.18
N THR C 192 -12.97 -7.02 -18.92
CA THR C 192 -14.11 -6.85 -17.99
C THR C 192 -14.23 -5.37 -17.69
N PHE C 193 -15.33 -4.83 -17.97
CA PHE C 193 -15.58 -3.39 -18.01
C PHE C 193 -16.09 -2.91 -16.65
N PRO C 194 -15.80 -1.65 -16.31
CA PRO C 194 -16.33 -1.10 -15.06
C PRO C 194 -17.86 -1.15 -14.99
N ALA C 195 -18.38 -1.52 -13.82
CA ALA C 195 -19.82 -1.46 -13.60
C ALA C 195 -20.36 -0.02 -13.70
N VAL C 196 -21.61 0.13 -14.18
CA VAL C 196 -22.33 1.40 -14.12
C VAL C 196 -23.62 1.22 -13.33
N LEU C 197 -23.95 2.22 -12.49
CA LEU C 197 -25.13 2.17 -11.61
C LEU C 197 -26.34 2.82 -12.26
N GLN C 198 -27.45 2.10 -12.28
CA GLN C 198 -28.71 2.62 -12.80
C GLN C 198 -29.83 2.14 -11.90
N SER C 199 -30.67 3.07 -11.44
CA SER C 199 -31.85 2.72 -10.63
C SER C 199 -31.47 1.81 -9.45
N ASP C 200 -30.32 2.11 -8.81
CA ASP C 200 -29.81 1.31 -7.68
C ASP C 200 -29.47 -0.13 -8.07
N LEU C 201 -29.21 -0.39 -9.35
CA LEU C 201 -28.76 -1.70 -9.83
C LEU C 201 -27.53 -1.51 -10.70
N TYR C 202 -26.54 -2.37 -10.52
CA TYR C 202 -25.34 -2.35 -11.34
C TYR C 202 -25.48 -3.21 -12.58
N THR C 203 -24.76 -2.82 -13.62
CA THR C 203 -24.64 -3.56 -14.85
C THR C 203 -23.17 -3.55 -15.28
N LEU C 204 -22.66 -4.69 -15.69
CA LEU C 204 -21.30 -4.76 -16.22
C LEU C 204 -21.28 -5.83 -17.27
N SER C 205 -20.20 -5.91 -17.99
CA SER C 205 -20.07 -6.89 -19.03
C SER C 205 -18.64 -7.30 -19.17
N SER C 206 -18.41 -8.45 -19.78
CA SER C 206 -17.08 -8.96 -19.98
C SER C 206 -17.05 -9.62 -21.35
N SER C 207 -15.94 -9.46 -22.05
CA SER C 207 -15.75 -10.12 -23.33
C SER C 207 -14.47 -10.95 -23.30
N VAL C 208 -14.45 -11.99 -24.14
CA VAL C 208 -13.27 -12.84 -24.31
C VAL C 208 -13.22 -13.19 -25.78
N THR C 209 -12.02 -13.21 -26.34
CA THR C 209 -11.82 -13.46 -27.76
C THR C 209 -10.94 -14.70 -27.86
N VAL C 210 -11.40 -15.70 -28.61
CA VAL C 210 -10.71 -16.99 -28.69
C VAL C 210 -10.51 -17.36 -30.16
N PRO C 211 -9.59 -18.29 -30.45
CA PRO C 211 -9.42 -18.74 -31.84
C PRO C 211 -10.65 -19.49 -32.30
N SER C 212 -10.94 -19.33 -33.59
CA SER C 212 -12.14 -19.96 -34.12
C SER C 212 -12.01 -21.47 -34.20
N SER C 213 -10.81 -22.02 -34.04
CA SER C 213 -10.62 -23.46 -33.98
C SER C 213 -11.10 -24.10 -32.67
N THR C 214 -11.49 -23.31 -31.65
CA THR C 214 -11.66 -23.88 -30.32
C THR C 214 -13.14 -23.98 -29.95
N TRP C 215 -13.74 -22.85 -29.58
CA TRP C 215 -15.17 -22.79 -29.36
C TRP C 215 -15.92 -22.95 -30.69
N PRO C 216 -17.11 -23.62 -30.71
CA PRO C 216 -17.84 -24.21 -29.58
C PRO C 216 -17.46 -25.63 -29.17
N SER C 217 -16.57 -26.35 -29.89
CA SER C 217 -16.20 -27.69 -29.44
C SER C 217 -15.57 -27.65 -28.06
N GLU C 218 -14.69 -26.67 -27.82
CA GLU C 218 -14.23 -26.39 -26.48
C GLU C 218 -15.17 -25.37 -25.85
N THR C 219 -15.65 -25.67 -24.66
CA THR C 219 -16.67 -24.83 -24.04
C THR C 219 -16.03 -23.58 -23.45
N VAL C 220 -16.80 -22.50 -23.45
CA VAL C 220 -16.44 -21.20 -22.88
C VAL C 220 -17.56 -20.86 -21.90
N THR C 221 -17.23 -20.71 -20.63
CA THR C 221 -18.19 -20.37 -19.57
C THR C 221 -17.70 -19.13 -18.84
N CYS C 222 -18.55 -18.11 -18.64
CA CYS C 222 -18.13 -17.02 -17.76
C CYS C 222 -18.62 -17.26 -16.34
N ASN C 223 -17.75 -16.98 -15.37
CA ASN C 223 -18.05 -17.25 -13.97
C ASN C 223 -18.17 -15.90 -13.26
N VAL C 224 -19.34 -15.62 -12.70
CA VAL C 224 -19.62 -14.32 -12.11
C VAL C 224 -19.74 -14.54 -10.62
N ALA C 225 -18.93 -13.84 -9.83
CA ALA C 225 -18.95 -13.98 -8.39
C ALA C 225 -19.46 -12.70 -7.75
N HIS C 226 -20.41 -12.82 -6.81
CA HIS C 226 -20.98 -11.67 -6.12
C HIS C 226 -20.94 -11.98 -4.63
N PRO C 227 -19.84 -11.64 -3.96
CA PRO C 227 -19.68 -12.04 -2.54
C PRO C 227 -20.72 -11.43 -1.63
N ALA C 228 -21.23 -10.23 -1.95
CA ALA C 228 -22.20 -9.58 -1.07
C ALA C 228 -23.49 -10.39 -0.95
N SER C 229 -23.90 -11.10 -2.00
CA SER C 229 -25.07 -11.98 -1.93
C SER C 229 -24.67 -13.44 -1.82
N SER C 230 -23.38 -13.73 -1.65
CA SER C 230 -22.82 -15.09 -1.58
C SER C 230 -23.17 -15.93 -2.80
N THR C 231 -23.17 -15.34 -3.98
CA THR C 231 -23.73 -15.99 -5.15
C THR C 231 -22.69 -16.08 -6.25
N LYS C 232 -22.65 -17.22 -6.92
CA LYS C 232 -21.84 -17.41 -8.13
C LYS C 232 -22.75 -17.91 -9.23
N VAL C 233 -22.59 -17.36 -10.43
CA VAL C 233 -23.38 -17.75 -11.59
C VAL C 233 -22.40 -18.11 -12.69
N ASP C 234 -22.51 -19.32 -13.21
CA ASP C 234 -21.56 -19.82 -14.23
C ASP C 234 -22.32 -19.96 -15.54
N LYS C 235 -22.20 -18.97 -16.42
CA LYS C 235 -22.99 -18.96 -17.65
C LYS C 235 -22.20 -19.54 -18.82
N LYS C 236 -22.65 -20.67 -19.34
CA LYS C 236 -22.05 -21.30 -20.50
C LYS C 236 -22.46 -20.55 -21.74
N ILE C 237 -21.52 -20.19 -22.60
CA ILE C 237 -21.84 -19.51 -23.86
C ILE C 237 -22.03 -20.56 -24.95
N VAL C 238 -23.25 -20.63 -25.46
CA VAL C 238 -23.68 -21.69 -26.38
C VAL C 238 -24.03 -21.05 -27.73
N PRO C 239 -23.69 -21.66 -28.87
CA PRO C 239 -24.09 -21.06 -30.15
C PRO C 239 -25.61 -20.89 -30.18
N ARG C 240 -26.07 -19.82 -30.82
CA ARG C 240 -27.51 -19.58 -30.92
C ARG C 240 -28.02 -19.91 -32.31
#